data_6UVC
#
_entry.id   6UVC
#
_cell.length_a   62.437
_cell.length_b   71.496
_cell.length_c   111.324
_cell.angle_alpha   90.000
_cell.angle_beta   90.000
_cell.angle_gamma   90.000
#
_symmetry.space_group_name_H-M   'P 21 21 21'
#
loop_
_entity.id
_entity.type
_entity.pdbx_description
1 polymer 'Bcl-2-like protein 1'
2 non-polymer "(R)-3-(Benzylthio)-2-(3-(2-((4'-chloro-[1,1'-biphenyl]-2-yl)methyl)-1,2,3,4-tetrahydroisoquinoline-6-carbonyl)-3-(4-methylbenzyl)ureido)propanoic acid"
3 non-polymer 'SULFATE ION'
4 non-polymer 1,2-ETHANEDIOL
5 water water
#
_entity_poly.entity_id   1
_entity_poly.type   'polypeptide(L)'
_entity_poly.pdbx_seq_one_letter_code
;GPLGSMSQSNRELVVDFLSYKLSQKGYSWSQMAAVKQALREAGDEFELRYRRAFSDLTSQLHITPGTAYQSFEQVVNELF
RDGVNWGRIVAFFSFGGALCVESVDKEMQVLVSRIAAWMATYLNDHLEPWIQENGGWDTFVELYGNNAAAESRKGQER
;
_entity_poly.pdbx_strand_id   A,B
#
# COMPACT_ATOMS: atom_id res chain seq x y z
N SER A 7 13.79 14.47 -3.13
CA SER A 7 13.87 13.68 -1.91
C SER A 7 13.45 12.22 -2.08
N GLN A 8 14.05 11.34 -1.24
CA GLN A 8 13.75 9.90 -1.21
C GLN A 8 12.28 9.66 -0.84
N SER A 9 11.75 10.38 0.17
CA SER A 9 10.38 10.23 0.61
C SER A 9 9.37 10.68 -0.48
N ASN A 10 9.72 11.72 -1.28
CA ASN A 10 8.84 12.13 -2.38
C ASN A 10 8.80 11.08 -3.48
N ARG A 11 9.97 10.46 -3.80
CA ARG A 11 9.98 9.36 -4.80
C ARG A 11 9.17 8.18 -4.28
N GLU A 12 9.30 7.89 -2.96
CA GLU A 12 8.53 6.82 -2.33
C GLU A 12 7.02 7.07 -2.40
N LEU A 13 6.57 8.31 -2.18
CA LEU A 13 5.14 8.63 -2.25
C LEU A 13 4.63 8.44 -3.68
N VAL A 14 5.40 8.90 -4.68
CA VAL A 14 5.03 8.75 -6.10
C VAL A 14 4.86 7.25 -6.43
N VAL A 15 5.86 6.44 -6.08
CA VAL A 15 5.85 5.01 -6.34
C VAL A 15 4.65 4.35 -5.65
N ASP A 16 4.39 4.72 -4.39
CA ASP A 16 3.27 4.15 -3.66
C ASP A 16 1.95 4.48 -4.34
N PHE A 17 1.73 5.76 -4.67
CA PHE A 17 0.47 6.17 -5.28
C PHE A 17 0.27 5.48 -6.65
N LEU A 18 1.30 5.48 -7.49
CA LEU A 18 1.20 4.85 -8.81
C LEU A 18 0.98 3.36 -8.71
N SER A 19 1.64 2.66 -7.73
CA SER A 19 1.45 1.22 -7.52
C SER A 19 -0.03 0.94 -7.28
N TYR A 20 -0.66 1.76 -6.43
CA TYR A 20 -2.07 1.64 -6.06
C TYR A 20 -2.96 1.85 -7.28
N LYS A 21 -2.79 2.97 -8.00
CA LYS A 21 -3.67 3.28 -9.15
C LYS A 21 -3.53 2.23 -10.27
N LEU A 22 -2.30 1.74 -10.49
CA LEU A 22 -2.10 0.69 -11.51
C LEU A 22 -2.83 -0.63 -11.07
N SER A 23 -2.72 -0.99 -9.77
CA SER A 23 -3.37 -2.19 -9.23
C SER A 23 -4.90 -2.14 -9.39
N GLN A 24 -5.50 -0.95 -9.27
CA GLN A 24 -6.96 -0.77 -9.43
C GLN A 24 -7.44 -1.11 -10.83
N LYS A 25 -6.53 -1.12 -11.82
CA LYS A 25 -6.88 -1.46 -13.21
C LYS A 25 -6.33 -2.84 -13.61
N GLY A 26 -5.84 -3.62 -12.64
CA GLY A 26 -5.29 -4.95 -12.91
C GLY A 26 -3.86 -4.92 -13.44
N TYR A 27 -3.19 -3.79 -13.27
CA TYR A 27 -1.81 -3.62 -13.72
C TYR A 27 -0.91 -3.58 -12.49
N SER A 28 0.41 -3.49 -12.68
CA SER A 28 1.28 -3.43 -11.53
C SER A 28 2.51 -2.57 -11.78
N TRP A 29 3.01 -1.93 -10.72
CA TRP A 29 4.21 -1.12 -10.80
C TRP A 29 5.43 -2.04 -10.95
N SER A 30 5.43 -3.15 -10.19
CA SER A 30 6.50 -4.15 -10.16
C SER A 30 5.96 -5.45 -9.65
N GLN A 31 6.82 -6.49 -9.68
CA GLN A 31 6.49 -7.81 -9.16
C GLN A 31 6.17 -7.69 -7.65
N MET A 32 7.05 -6.98 -6.89
CA MET A 32 6.83 -6.77 -5.46
C MET A 32 5.53 -6.02 -5.17
N ALA A 33 5.23 -4.94 -5.94
CA ALA A 33 3.98 -4.19 -5.74
C ALA A 33 2.74 -5.07 -5.98
N ALA A 34 2.80 -5.96 -6.99
CA ALA A 34 1.71 -6.87 -7.34
C ALA A 34 1.44 -7.87 -6.20
N VAL A 35 2.51 -8.38 -5.57
CA VAL A 35 2.40 -9.30 -4.42
C VAL A 35 1.74 -8.58 -3.25
N LYS A 36 2.26 -7.38 -2.92
CA LYS A 36 1.74 -6.60 -1.79
C LYS A 36 0.24 -6.36 -1.96
N GLN A 37 -0.16 -5.89 -3.12
CA GLN A 37 -1.56 -5.59 -3.39
CA GLN A 37 -1.58 -5.61 -3.38
C GLN A 37 -2.44 -6.85 -3.37
N ALA A 38 -1.98 -7.97 -3.97
N ALA A 38 -1.98 -7.97 -3.97
CA ALA A 38 -2.76 -9.22 -3.98
CA ALA A 38 -2.76 -9.22 -3.98
C ALA A 38 -2.94 -9.74 -2.53
C ALA A 38 -2.94 -9.74 -2.53
N LEU A 39 -1.90 -9.62 -1.70
CA LEU A 39 -1.96 -10.06 -0.31
C LEU A 39 -2.91 -9.18 0.51
N ARG A 40 -2.88 -7.85 0.31
CA ARG A 40 -3.80 -6.89 0.99
C ARG A 40 -5.24 -7.27 0.66
N GLU A 41 -5.52 -7.52 -0.63
CA GLU A 41 -6.88 -7.91 -1.06
C GLU A 41 -7.28 -9.26 -0.49
N ALA A 42 -6.38 -10.27 -0.52
CA ALA A 42 -6.66 -11.60 0.01
C ALA A 42 -6.93 -11.50 1.52
N GLY A 43 -6.15 -10.68 2.23
CA GLY A 43 -6.37 -10.45 3.67
C GLY A 43 -7.77 -9.88 3.92
N ASP A 44 -8.17 -8.86 3.16
CA ASP A 44 -9.53 -8.26 3.25
C ASP A 44 -10.60 -9.31 2.99
N GLU A 45 -10.41 -10.14 1.95
CA GLU A 45 -11.36 -11.20 1.59
C GLU A 45 -11.48 -12.26 2.71
N PHE A 46 -10.36 -12.76 3.20
CA PHE A 46 -10.38 -13.74 4.29
C PHE A 46 -11.11 -13.17 5.52
N GLU A 47 -10.80 -11.92 5.91
CA GLU A 47 -11.41 -11.26 7.08
C GLU A 47 -12.94 -11.02 6.90
N LEU A 48 -13.40 -10.82 5.67
CA LEU A 48 -14.83 -10.65 5.38
C LEU A 48 -15.52 -12.02 5.39
N ARG A 49 -14.90 -13.06 4.79
CA ARG A 49 -15.48 -14.41 4.71
C ARG A 49 -15.51 -15.10 6.07
N TYR A 50 -14.56 -14.76 6.97
CA TYR A 50 -14.45 -15.33 8.32
C TYR A 50 -14.50 -14.22 9.37
N ARG A 51 -15.59 -13.42 9.36
CA ARG A 51 -15.77 -12.26 10.24
C ARG A 51 -15.52 -12.51 11.74
N ARG A 52 -15.76 -13.72 12.21
CA ARG A 52 -15.64 -14.02 13.63
C ARG A 52 -14.42 -14.83 14.00
N ALA A 53 -13.54 -15.15 13.01
CA ALA A 53 -12.35 -15.96 13.22
C ALA A 53 -11.44 -15.43 14.33
N PHE A 54 -11.07 -14.11 14.30
CA PHE A 54 -10.17 -13.53 15.32
C PHE A 54 -10.89 -13.35 16.68
N SER A 55 -12.14 -12.90 16.60
CA SER A 55 -12.96 -12.74 17.82
C SER A 55 -13.13 -14.08 18.55
N ASP A 56 -13.28 -15.22 17.82
CA ASP A 56 -13.33 -16.56 18.43
C ASP A 56 -11.99 -16.88 19.16
N LEU A 57 -10.85 -16.38 18.64
CA LEU A 57 -9.52 -16.59 19.26
C LEU A 57 -9.32 -15.69 20.50
N THR A 58 -9.79 -14.40 20.45
CA THR A 58 -9.60 -13.43 21.54
C THR A 58 -10.20 -13.85 22.86
N SER A 59 -11.27 -14.67 22.83
CA SER A 59 -11.95 -15.21 24.00
C SER A 59 -10.93 -15.88 24.95
N GLN A 60 -9.76 -16.30 24.39
CA GLN A 60 -8.67 -16.92 25.14
C GLN A 60 -7.35 -16.15 25.04
N LEU A 61 -7.08 -15.42 23.92
CA LEU A 61 -5.86 -14.60 23.80
C LEU A 61 -6.05 -13.25 24.53
N HIS A 62 -5.50 -13.17 25.75
CA HIS A 62 -5.46 -11.96 26.58
C HIS A 62 -4.03 -11.46 26.32
N ILE A 63 -3.86 -10.60 25.29
CA ILE A 63 -2.54 -10.17 24.87
C ILE A 63 -1.87 -9.23 25.88
N THR A 64 -0.61 -9.55 26.22
CA THR A 64 0.24 -8.77 27.10
C THR A 64 1.66 -8.87 26.55
N PRO A 65 2.58 -7.91 26.86
CA PRO A 65 3.96 -8.07 26.40
C PRO A 65 4.61 -9.40 26.85
N GLY A 66 4.17 -9.94 27.99
CA GLY A 66 4.73 -11.19 28.51
C GLY A 66 4.23 -12.46 27.87
N THR A 67 2.97 -12.45 27.36
CA THR A 67 2.39 -13.66 26.76
C THR A 67 2.15 -13.57 25.26
N ALA A 68 2.43 -12.41 24.64
CA ALA A 68 2.21 -12.17 23.22
C ALA A 68 2.90 -13.19 22.32
N TYR A 69 4.19 -13.44 22.56
CA TYR A 69 4.93 -14.40 21.73
C TYR A 69 4.37 -15.84 21.86
N GLN A 70 4.04 -16.29 23.08
CA GLN A 70 3.50 -17.63 23.30
C GLN A 70 2.17 -17.78 22.55
N SER A 71 1.29 -16.76 22.61
CA SER A 71 0.01 -16.75 21.88
C SER A 71 0.25 -16.78 20.37
N PHE A 72 1.16 -15.95 19.87
CA PHE A 72 1.51 -15.91 18.45
C PHE A 72 2.04 -17.30 17.99
N GLU A 73 3.03 -17.83 18.68
CA GLU A 73 3.61 -19.13 18.33
C GLU A 73 2.56 -20.27 18.33
N GLN A 74 1.66 -20.30 19.36
CA GLN A 74 0.66 -21.36 19.44
CA GLN A 74 0.60 -21.32 19.51
C GLN A 74 -0.35 -21.28 18.31
N VAL A 75 -0.82 -20.07 18.00
N VAL A 75 -0.90 -20.09 18.01
CA VAL A 75 -1.81 -19.89 16.94
CA VAL A 75 -1.86 -19.89 16.93
C VAL A 75 -1.20 -20.30 15.61
C VAL A 75 -1.24 -20.23 15.57
N VAL A 76 0.01 -19.79 15.33
CA VAL A 76 0.70 -20.06 14.09
C VAL A 76 0.99 -21.57 13.94
N ASN A 77 1.45 -22.24 15.00
CA ASN A 77 1.67 -23.69 14.94
C ASN A 77 0.38 -24.46 14.69
N GLU A 78 -0.73 -24.03 15.32
CA GLU A 78 -2.04 -24.68 15.12
C GLU A 78 -2.51 -24.43 13.65
N LEU A 79 -2.35 -23.20 13.15
CA LEU A 79 -2.73 -22.84 11.79
C LEU A 79 -2.05 -23.74 10.73
N PHE A 80 -0.74 -24.01 10.88
CA PHE A 80 0.03 -24.79 9.90
C PHE A 80 0.28 -26.25 10.30
N ARG A 81 -0.46 -26.76 11.32
CA ARG A 81 -0.34 -28.14 11.82
C ARG A 81 -0.47 -29.20 10.70
N ASP A 82 -1.41 -28.98 9.77
CA ASP A 82 -1.69 -29.92 8.67
C ASP A 82 -1.00 -29.56 7.36
N GLY A 83 -0.05 -28.62 7.44
CA GLY A 83 0.72 -28.23 6.28
C GLY A 83 0.46 -26.82 5.82
N VAL A 84 1.27 -26.40 4.87
CA VAL A 84 1.18 -25.06 4.32
C VAL A 84 0.32 -25.04 3.04
N ASN A 85 -0.47 -23.99 2.84
CA ASN A 85 -1.18 -23.74 1.59
C ASN A 85 -1.36 -22.22 1.51
N TRP A 86 -1.76 -21.69 0.35
CA TRP A 86 -1.88 -20.23 0.20
C TRP A 86 -2.93 -19.61 1.11
N GLY A 87 -4.05 -20.30 1.29
CA GLY A 87 -5.15 -19.85 2.15
C GLY A 87 -4.69 -19.65 3.59
N ARG A 88 -3.94 -20.61 4.11
CA ARG A 88 -3.36 -20.53 5.48
C ARG A 88 -2.32 -19.42 5.60
N ILE A 89 -1.49 -19.22 4.55
CA ILE A 89 -0.51 -18.11 4.54
C ILE A 89 -1.29 -16.75 4.64
N VAL A 90 -2.38 -16.59 3.87
CA VAL A 90 -3.20 -15.36 3.98
C VAL A 90 -3.71 -15.21 5.43
N ALA A 91 -4.26 -16.30 6.01
CA ALA A 91 -4.77 -16.28 7.38
C ALA A 91 -3.65 -15.88 8.38
N PHE A 92 -2.42 -16.33 8.14
CA PHE A 92 -1.26 -16.00 8.96
C PHE A 92 -1.04 -14.46 8.93
N PHE A 93 -1.10 -13.84 7.74
CA PHE A 93 -0.93 -12.40 7.68
C PHE A 93 -2.09 -11.71 8.37
N SER A 94 -3.32 -12.17 8.12
CA SER A 94 -4.52 -11.59 8.78
C SER A 94 -4.42 -11.70 10.31
N PHE A 95 -3.89 -12.81 10.81
CA PHE A 95 -3.72 -13.00 12.26
C PHE A 95 -2.74 -11.99 12.85
N GLY A 96 -1.58 -11.83 12.22
CA GLY A 96 -0.58 -10.84 12.59
C GLY A 96 -1.17 -9.42 12.63
N GLY A 97 -1.91 -9.05 11.58
CA GLY A 97 -2.61 -7.77 11.48
C GLY A 97 -3.56 -7.56 12.63
N ALA A 98 -4.36 -8.60 12.96
CA ALA A 98 -5.34 -8.51 14.07
C ALA A 98 -4.65 -8.36 15.42
N LEU A 99 -3.54 -9.07 15.62
CA LEU A 99 -2.76 -9.01 16.86
C LEU A 99 -2.14 -7.58 17.02
N CYS A 100 -1.70 -6.95 15.91
CA CYS A 100 -1.17 -5.58 15.94
C CYS A 100 -2.25 -4.57 16.29
N VAL A 101 -3.42 -4.69 15.66
CA VAL A 101 -4.59 -3.82 15.99
C VAL A 101 -4.95 -3.96 17.46
N GLU A 102 -5.07 -5.21 17.95
CA GLU A 102 -5.40 -5.50 19.36
C GLU A 102 -4.36 -4.84 20.30
N SER A 103 -3.06 -4.91 19.94
CA SER A 103 -1.98 -4.31 20.73
C SER A 103 -2.16 -2.80 20.84
N VAL A 104 -2.47 -2.12 19.71
CA VAL A 104 -2.71 -0.67 19.68
C VAL A 104 -3.98 -0.33 20.47
N ASP A 105 -5.06 -1.14 20.32
CA ASP A 105 -6.30 -0.95 21.12
C ASP A 105 -6.01 -1.00 22.63
N LYS A 106 -5.13 -1.92 23.04
CA LYS A 106 -4.80 -2.11 24.47
C LYS A 106 -3.68 -1.20 24.97
N GLU A 107 -3.34 -0.15 24.16
N GLU A 107 -3.35 -0.09 24.25
CA GLU A 107 -2.36 0.91 24.39
CA GLU A 107 -2.26 0.83 24.67
C GLU A 107 -0.89 0.37 24.53
C GLU A 107 -0.95 0.01 24.86
N MET A 108 -0.60 -0.77 23.83
CA MET A 108 0.73 -1.40 23.79
CA MET A 108 0.59 -1.62 23.78
C MET A 108 1.22 -1.49 22.34
N GLN A 109 1.28 -0.29 21.68
N GLN A 109 1.27 -0.26 21.76
CA GLN A 109 1.75 -0.15 20.29
CA GLN A 109 1.77 0.03 20.41
C GLN A 109 3.22 -0.56 20.17
C GLN A 109 3.20 -0.49 20.21
N VAL A 110 3.97 -0.54 21.29
CA VAL A 110 5.37 -1.01 21.29
C VAL A 110 5.48 -2.51 20.88
N LEU A 111 4.38 -3.29 21.03
CA LEU A 111 4.36 -4.69 20.62
C LEU A 111 4.28 -4.85 19.10
N VAL A 112 3.79 -3.81 18.38
CA VAL A 112 3.62 -3.92 16.90
C VAL A 112 4.94 -4.31 16.18
N SER A 113 6.03 -3.58 16.49
CA SER A 113 7.29 -3.90 15.82
C SER A 113 7.78 -5.30 16.22
N ARG A 114 7.46 -5.80 17.44
CA ARG A 114 7.87 -7.17 17.81
C ARG A 114 7.04 -8.19 17.02
N ILE A 115 5.72 -8.00 16.90
CA ILE A 115 4.88 -8.91 16.11
C ILE A 115 5.38 -8.96 14.68
N ALA A 116 5.74 -7.78 14.10
CA ALA A 116 6.25 -7.74 12.73
C ALA A 116 7.52 -8.60 12.60
N ALA A 117 8.45 -8.49 13.58
CA ALA A 117 9.71 -9.26 13.57
C ALA A 117 9.39 -10.77 13.68
N TRP A 118 8.43 -11.16 14.56
CA TRP A 118 8.07 -12.59 14.71
C TRP A 118 7.47 -13.13 13.41
N MET A 119 6.63 -12.33 12.75
CA MET A 119 6.03 -12.73 11.45
C MET A 119 7.10 -12.92 10.42
N ALA A 120 8.01 -11.93 10.29
CA ALA A 120 9.10 -12.04 9.29
C ALA A 120 9.99 -13.26 9.56
N THR A 121 10.32 -13.54 10.83
CA THR A 121 11.15 -14.73 11.15
C THR A 121 10.36 -16.02 10.76
N TYR A 122 9.07 -16.10 11.12
CA TYR A 122 8.30 -17.30 10.77
C TYR A 122 8.23 -17.48 9.25
N LEU A 123 8.03 -16.39 8.51
CA LEU A 123 7.99 -16.41 7.03
C LEU A 123 9.34 -16.90 6.47
N ASN A 124 10.46 -16.33 6.94
CA ASN A 124 11.80 -16.72 6.48
C ASN A 124 12.11 -18.17 6.74
N ASP A 125 11.84 -18.64 7.96
CA ASP A 125 12.20 -19.97 8.40
C ASP A 125 11.25 -21.10 8.04
N HIS A 126 9.94 -20.86 8.19
CA HIS A 126 8.98 -21.94 8.08
C HIS A 126 8.05 -21.89 6.89
N LEU A 127 7.90 -20.74 6.23
CA LEU A 127 7.01 -20.65 5.07
C LEU A 127 7.73 -20.52 3.74
N GLU A 128 8.86 -19.76 3.73
CA GLU A 128 9.67 -19.55 2.54
C GLU A 128 10.05 -20.89 1.85
N PRO A 129 10.45 -21.99 2.54
CA PRO A 129 10.76 -23.23 1.79
C PRO A 129 9.56 -23.72 1.00
N TRP A 130 8.34 -23.72 1.57
CA TRP A 130 7.13 -24.15 0.84
C TRP A 130 6.80 -23.15 -0.29
N ILE A 131 6.90 -21.85 0.00
CA ILE A 131 6.63 -20.79 -1.00
C ILE A 131 7.51 -21.00 -2.26
N GLN A 132 8.82 -21.16 -2.06
CA GLN A 132 9.82 -21.35 -3.11
C GLN A 132 9.60 -22.64 -3.87
N GLU A 133 9.12 -23.68 -3.19
CA GLU A 133 8.84 -24.97 -3.81
C GLU A 133 7.56 -24.87 -4.65
N ASN A 134 6.67 -23.93 -4.31
CA ASN A 134 5.40 -23.77 -5.01
C ASN A 134 5.39 -22.60 -6.01
N GLY A 135 6.55 -22.24 -6.54
CA GLY A 135 6.70 -21.22 -7.59
C GLY A 135 6.86 -19.80 -7.13
N GLY A 136 7.00 -19.59 -5.84
CA GLY A 136 7.18 -18.25 -5.27
C GLY A 136 5.88 -17.45 -5.21
N TRP A 137 5.99 -16.19 -4.83
CA TRP A 137 4.82 -15.29 -4.67
C TRP A 137 4.11 -14.97 -6.00
N ASP A 138 4.78 -15.19 -7.15
CA ASP A 138 4.15 -14.99 -8.46
C ASP A 138 3.01 -15.97 -8.63
N THR A 139 3.15 -17.19 -8.09
CA THR A 139 2.13 -18.22 -8.17
C THR A 139 0.91 -17.77 -7.35
N PHE A 140 1.16 -17.18 -6.17
CA PHE A 140 0.09 -16.65 -5.35
C PHE A 140 -0.70 -15.57 -6.12
N VAL A 141 0.02 -14.62 -6.74
CA VAL A 141 -0.60 -13.52 -7.52
C VAL A 141 -1.48 -14.07 -8.65
N GLU A 142 -0.96 -15.06 -9.38
CA GLU A 142 -1.64 -15.71 -10.50
C GLU A 142 -2.92 -16.43 -10.02
N LEU A 143 -2.81 -17.23 -8.95
CA LEU A 143 -3.92 -17.98 -8.35
C LEU A 143 -5.00 -17.07 -7.78
N TYR A 144 -4.61 -16.01 -7.04
CA TYR A 144 -5.58 -15.09 -6.44
C TYR A 144 -6.32 -14.24 -7.49
N GLY A 145 -5.60 -13.83 -8.54
CA GLY A 145 -6.18 -13.06 -9.63
C GLY A 145 -7.18 -13.83 -10.48
N ASN A 146 -7.04 -15.17 -10.54
CA ASN A 146 -7.90 -16.09 -11.29
C ASN A 146 -9.23 -16.34 -10.56
N SER B 5 18.10 -10.54 0.96
CA SER B 5 17.34 -10.35 -0.28
C SER B 5 15.93 -10.89 -0.09
N MET B 6 15.80 -12.21 0.19
CA MET B 6 14.52 -12.88 0.49
C MET B 6 14.09 -12.39 1.88
N SER B 7 15.08 -12.25 2.81
CA SER B 7 14.89 -11.71 4.14
C SER B 7 14.36 -10.27 4.06
N GLN B 8 15.01 -9.37 3.29
CA GLN B 8 14.54 -7.98 3.17
C GLN B 8 13.14 -7.90 2.55
N SER B 9 12.90 -8.66 1.48
CA SER B 9 11.61 -8.64 0.79
C SER B 9 10.49 -9.22 1.70
N ASN B 10 10.79 -10.23 2.53
CA ASN B 10 9.79 -10.76 3.48
C ASN B 10 9.45 -9.71 4.53
N ARG B 11 10.47 -8.96 5.06
CA ARG B 11 10.22 -7.89 6.04
CA ARG B 11 10.21 -7.89 6.04
C ARG B 11 9.35 -6.83 5.35
N GLU B 12 9.65 -6.49 4.08
CA GLU B 12 8.89 -5.50 3.33
C GLU B 12 7.42 -5.92 3.15
N LEU B 13 7.17 -7.20 2.85
CA LEU B 13 5.78 -7.67 2.70
C LEU B 13 5.02 -7.56 4.02
N VAL B 14 5.67 -7.99 5.11
CA VAL B 14 5.06 -7.92 6.46
C VAL B 14 4.71 -6.46 6.80
N VAL B 15 5.68 -5.56 6.60
CA VAL B 15 5.48 -4.14 6.91
C VAL B 15 4.33 -3.58 6.07
N ASP B 16 4.28 -3.94 4.78
CA ASP B 16 3.23 -3.45 3.92
C ASP B 16 1.85 -3.93 4.41
N PHE B 17 1.71 -5.23 4.68
CA PHE B 17 0.44 -5.77 5.12
C PHE B 17 0.01 -5.13 6.45
N LEU B 18 0.92 -5.07 7.42
CA LEU B 18 0.58 -4.49 8.73
C LEU B 18 0.25 -2.99 8.64
N SER B 19 0.96 -2.23 7.79
CA SER B 19 0.66 -0.81 7.55
C SER B 19 -0.80 -0.66 7.11
N TYR B 20 -1.21 -1.50 6.16
CA TYR B 20 -2.57 -1.50 5.63
C TYR B 20 -3.60 -1.83 6.71
N LYS B 21 -3.41 -2.93 7.45
CA LYS B 21 -4.39 -3.34 8.46
C LYS B 21 -4.51 -2.32 9.59
N LEU B 22 -3.37 -1.71 9.99
CA LEU B 22 -3.39 -0.66 11.02
C LEU B 22 -4.18 0.58 10.50
N SER B 23 -3.95 0.98 9.24
CA SER B 23 -4.65 2.13 8.64
C SER B 23 -6.16 1.93 8.60
N GLN B 24 -6.62 0.70 8.38
CA GLN B 24 -8.06 0.40 8.34
C GLN B 24 -8.76 0.62 9.68
N LYS B 25 -7.97 0.67 10.77
CA LYS B 25 -8.52 0.92 12.11
C LYS B 25 -8.17 2.31 12.63
N GLY B 26 -7.67 3.18 11.75
CA GLY B 26 -7.33 4.55 12.13
C GLY B 26 -5.98 4.66 12.82
N TYR B 27 -5.15 3.62 12.69
CA TYR B 27 -3.83 3.61 13.31
C TYR B 27 -2.81 3.69 12.20
N SER B 28 -1.53 3.76 12.53
CA SER B 28 -0.52 3.81 11.47
C SER B 28 0.74 3.11 11.86
N TRP B 29 1.42 2.53 10.85
CA TRP B 29 2.70 1.86 11.06
C TRP B 29 3.78 2.90 11.36
N SER B 30 3.72 4.04 10.65
CA SER B 30 4.68 5.14 10.73
C SER B 30 4.08 6.40 10.13
N GLN B 31 4.79 7.52 10.28
CA GLN B 31 4.42 8.81 9.71
C GLN B 31 4.32 8.67 8.17
N MET B 32 5.34 8.05 7.54
CA MET B 32 5.36 7.84 6.09
C MET B 32 4.17 6.98 5.64
N ALA B 33 3.79 5.95 6.42
CA ALA B 33 2.62 5.11 6.08
C ALA B 33 1.33 5.92 6.13
N ALA B 34 1.21 6.80 7.14
CA ALA B 34 0.04 7.66 7.29
C ALA B 34 -0.11 8.61 6.07
N VAL B 35 1.02 9.12 5.52
CA VAL B 35 0.98 10.00 4.34
C VAL B 35 0.52 9.18 3.13
N LYS B 36 1.17 8.02 2.90
CA LYS B 36 0.87 7.16 1.77
C LYS B 36 -0.61 6.79 1.71
N GLN B 37 -1.17 6.34 2.86
CA GLN B 37 -2.58 5.94 2.94
CA GLN B 37 -2.56 5.91 2.91
C GLN B 37 -3.54 7.09 2.74
N ALA B 38 -3.25 8.23 3.40
CA ALA B 38 -4.12 9.40 3.25
C ALA B 38 -4.09 9.89 1.76
N LEU B 39 -2.92 9.86 1.08
CA LEU B 39 -2.83 10.29 -0.33
C LEU B 39 -3.61 9.31 -1.26
N ARG B 40 -3.50 7.99 -1.02
CA ARG B 40 -4.23 6.94 -1.78
C ARG B 40 -5.74 7.20 -1.68
N GLU B 41 -6.21 7.45 -0.46
CA GLU B 41 -7.63 7.74 -0.20
C GLU B 41 -8.05 9.06 -0.84
N ALA B 42 -7.23 10.14 -0.71
CA ALA B 42 -7.53 11.44 -1.32
C ALA B 42 -7.61 11.29 -2.83
N GLY B 43 -6.68 10.52 -3.43
CA GLY B 43 -6.71 10.23 -4.87
C GLY B 43 -8.03 9.58 -5.27
N ASP B 44 -8.46 8.53 -4.55
CA ASP B 44 -9.75 7.85 -4.79
C ASP B 44 -10.91 8.84 -4.71
N GLU B 45 -10.91 9.69 -3.66
CA GLU B 45 -11.96 10.68 -3.46
C GLU B 45 -12.04 11.70 -4.59
N PHE B 46 -10.87 12.31 -4.94
CA PHE B 46 -10.80 13.29 -6.00
C PHE B 46 -11.33 12.69 -7.30
N GLU B 47 -10.87 11.46 -7.66
CA GLU B 47 -11.24 10.79 -8.93
C GLU B 47 -12.71 10.50 -9.02
N LEU B 48 -13.35 10.18 -7.86
CA LEU B 48 -14.76 9.89 -7.83
C LEU B 48 -15.59 11.17 -7.89
N ARG B 49 -15.24 12.20 -7.09
CA ARG B 49 -15.97 13.48 -7.08
C ARG B 49 -15.83 14.20 -8.45
N TYR B 50 -14.63 14.16 -9.05
CA TYR B 50 -14.38 14.82 -10.35
C TYR B 50 -14.23 13.79 -11.46
N ARG B 51 -15.13 12.79 -11.43
CA ARG B 51 -15.18 11.73 -12.42
C ARG B 51 -15.39 12.29 -13.85
N ARG B 52 -16.11 13.44 -13.99
CA ARG B 52 -16.36 14.08 -15.29
C ARG B 52 -15.06 14.72 -15.81
N ALA B 53 -14.35 15.49 -14.96
CA ALA B 53 -13.07 16.13 -15.32
C ALA B 53 -12.05 15.06 -15.65
N PHE B 54 -12.08 13.91 -14.93
CA PHE B 54 -11.18 12.76 -15.16
C PHE B 54 -11.49 12.14 -16.55
N SER B 55 -12.79 11.97 -16.86
CA SER B 55 -13.26 11.38 -18.12
C SER B 55 -12.92 12.32 -19.28
N ASP B 56 -13.12 13.63 -19.09
CA ASP B 56 -12.79 14.65 -20.12
C ASP B 56 -11.28 14.64 -20.38
N LEU B 57 -10.47 14.49 -19.32
CA LEU B 57 -9.01 14.45 -19.45
C LEU B 57 -8.55 13.23 -20.25
N THR B 58 -8.95 12.02 -19.83
CA THR B 58 -8.55 10.77 -20.47
C THR B 58 -9.00 10.67 -21.93
N SER B 59 -10.18 11.23 -22.27
CA SER B 59 -10.70 11.25 -23.65
C SER B 59 -9.83 12.09 -24.57
N GLN B 60 -9.31 13.23 -24.05
CA GLN B 60 -8.46 14.17 -24.78
C GLN B 60 -7.02 13.69 -24.87
N LEU B 61 -6.65 12.63 -24.11
CA LEU B 61 -5.29 12.11 -24.14
C LEU B 61 -5.02 11.30 -25.42
N HIS B 62 -3.90 11.60 -26.08
CA HIS B 62 -3.42 10.89 -27.25
C HIS B 62 -1.97 10.62 -26.93
N ILE B 63 -1.73 9.57 -26.13
CA ILE B 63 -0.40 9.24 -25.65
C ILE B 63 0.43 8.48 -26.69
N THR B 64 1.64 9.00 -26.89
CA THR B 64 2.69 8.41 -27.70
C THR B 64 3.99 8.64 -26.91
N PRO B 65 5.02 7.78 -27.00
CA PRO B 65 6.29 8.06 -26.30
C PRO B 65 6.92 9.42 -26.64
N GLY B 66 6.69 9.92 -27.84
CA GLY B 66 7.21 11.21 -28.28
C GLY B 66 6.47 12.44 -27.78
N THR B 67 5.16 12.31 -27.42
CA THR B 67 4.36 13.45 -26.96
C THR B 67 3.96 13.35 -25.47
N ALA B 68 4.32 12.23 -24.81
CA ALA B 68 3.97 11.97 -23.41
C ALA B 68 4.45 13.05 -22.46
N TYR B 69 5.74 13.48 -22.52
CA TYR B 69 6.21 14.54 -21.64
C TYR B 69 5.46 15.86 -21.89
N GLN B 70 5.24 16.17 -23.16
CA GLN B 70 4.51 17.37 -23.60
C GLN B 70 3.14 17.43 -22.90
N SER B 71 2.38 16.34 -23.02
CA SER B 71 1.06 16.19 -22.40
C SER B 71 1.16 16.38 -20.87
N PHE B 72 2.13 15.70 -20.22
N PHE B 72 2.16 15.74 -20.23
CA PHE B 72 2.35 15.79 -18.78
CA PHE B 72 2.41 15.85 -18.79
C PHE B 72 2.54 17.26 -18.35
C PHE B 72 2.67 17.31 -18.41
N GLU B 73 3.54 17.91 -18.95
N GLU B 73 3.62 17.96 -19.09
CA GLU B 73 3.91 19.28 -18.66
CA GLU B 73 4.02 19.33 -18.81
C GLU B 73 2.76 20.27 -18.84
C GLU B 73 2.85 20.31 -18.96
N GLN B 74 2.02 20.17 -19.95
N GLN B 74 2.05 20.16 -20.03
CA GLN B 74 0.91 21.08 -20.22
CA GLN B 74 0.90 21.01 -20.31
C GLN B 74 -0.19 21.00 -19.19
C GLN B 74 -0.15 20.98 -19.20
N VAL B 75 -0.57 19.78 -18.79
CA VAL B 75 -1.58 19.59 -17.76
C VAL B 75 -1.08 20.11 -16.40
N VAL B 76 0.17 19.78 -16.02
CA VAL B 76 0.76 20.17 -14.71
C VAL B 76 0.91 21.70 -14.64
N ASN B 77 1.38 22.33 -15.72
CA ASN B 77 1.50 23.80 -15.75
C ASN B 77 0.15 24.49 -15.62
N GLU B 78 -0.87 23.96 -16.31
CA GLU B 78 -2.24 24.50 -16.23
C GLU B 78 -2.79 24.29 -14.81
N LEU B 79 -2.58 23.10 -14.24
CA LEU B 79 -3.05 22.75 -12.89
C LEU B 79 -2.54 23.72 -11.82
N PHE B 80 -1.26 24.09 -11.87
CA PHE B 80 -0.65 24.96 -10.84
C PHE B 80 -0.46 26.41 -11.27
N ARG B 81 -1.11 26.82 -12.38
CA ARG B 81 -1.05 28.19 -12.93
C ARG B 81 -1.35 29.28 -11.87
N ASP B 82 -2.35 29.04 -11.00
CA ASP B 82 -2.79 29.99 -9.99
C ASP B 82 -2.20 29.71 -8.59
N GLY B 83 -1.21 28.83 -8.54
CA GLY B 83 -0.54 28.51 -7.29
C GLY B 83 -0.79 27.12 -6.77
N VAL B 84 -0.10 26.77 -5.70
CA VAL B 84 -0.19 25.45 -5.09
C VAL B 84 -1.16 25.42 -3.92
N ASN B 85 -1.91 24.31 -3.77
CA ASN B 85 -2.77 24.03 -2.61
C ASN B 85 -2.84 22.50 -2.48
N TRP B 86 -3.33 21.97 -1.35
CA TRP B 86 -3.38 20.51 -1.17
C TRP B 86 -4.25 19.80 -2.18
N GLY B 87 -5.39 20.42 -2.54
CA GLY B 87 -6.33 19.86 -3.51
C GLY B 87 -5.69 19.65 -4.85
N ARG B 88 -4.93 20.65 -5.32
CA ARG B 88 -4.21 20.58 -6.60
C ARG B 88 -3.10 19.54 -6.55
N ILE B 89 -2.38 19.42 -5.41
CA ILE B 89 -1.35 18.38 -5.24
C ILE B 89 -2.00 16.97 -5.38
N VAL B 90 -3.18 16.76 -4.78
CA VAL B 90 -3.88 15.46 -4.92
C VAL B 90 -4.18 15.24 -6.43
N ALA B 91 -4.73 16.27 -7.09
CA ALA B 91 -5.07 16.21 -8.53
C ALA B 91 -3.84 15.86 -9.37
N PHE B 92 -2.67 16.40 -8.99
CA PHE B 92 -1.39 16.11 -9.63
C PHE B 92 -1.08 14.62 -9.55
N PHE B 93 -1.25 14.01 -8.36
CA PHE B 93 -1.00 12.58 -8.21
C PHE B 93 -2.01 11.80 -9.06
N SER B 94 -3.28 12.19 -8.98
CA SER B 94 -4.34 11.52 -9.76
C SER B 94 -4.08 11.59 -11.27
N PHE B 95 -3.58 12.74 -11.73
CA PHE B 95 -3.23 12.90 -13.13
C PHE B 95 -2.10 11.94 -13.56
N GLY B 96 -1.02 11.87 -12.76
CA GLY B 96 0.09 10.95 -12.99
C GLY B 96 -0.41 9.51 -13.10
N GLY B 97 -1.26 9.10 -12.16
CA GLY B 97 -1.90 7.79 -12.14
C GLY B 97 -2.67 7.51 -13.41
N ALA B 98 -3.47 8.50 -13.88
CA ALA B 98 -4.27 8.36 -15.12
C ALA B 98 -3.39 8.23 -16.35
N LEU B 99 -2.27 8.98 -16.40
CA LEU B 99 -1.36 8.95 -17.52
C LEU B 99 -0.65 7.57 -17.57
N CYS B 100 -0.32 6.98 -16.40
CA CYS B 100 0.30 5.65 -16.32
C CYS B 100 -0.67 4.59 -16.80
N VAL B 101 -1.93 4.64 -16.34
CA VAL B 101 -2.96 3.68 -16.77
C VAL B 101 -3.17 3.76 -18.28
N GLU B 102 -3.31 4.99 -18.80
CA GLU B 102 -3.50 5.23 -20.24
C GLU B 102 -2.31 4.64 -21.04
N SER B 103 -1.06 4.81 -20.52
CA SER B 103 0.15 4.28 -21.15
C SER B 103 0.09 2.76 -21.26
N VAL B 104 -0.28 2.08 -20.16
CA VAL B 104 -0.41 0.62 -20.13
C VAL B 104 -1.55 0.17 -21.06
N ASP B 105 -2.70 0.88 -21.06
CA ASP B 105 -3.83 0.58 -21.95
C ASP B 105 -3.39 0.63 -23.41
N LYS B 106 -2.54 1.61 -23.76
CA LYS B 106 -2.08 1.80 -25.14
C LYS B 106 -0.81 0.99 -25.49
N GLU B 107 -0.43 0.01 -24.64
CA GLU B 107 0.74 -0.87 -24.81
C GLU B 107 2.04 -0.07 -24.91
N MET B 108 2.16 0.94 -24.05
CA MET B 108 3.31 1.81 -23.91
C MET B 108 3.74 1.77 -22.41
N GLN B 109 3.86 0.54 -21.84
CA GLN B 109 4.23 0.38 -20.43
C GLN B 109 5.60 1.00 -20.09
N VAL B 110 6.48 1.10 -21.09
CA VAL B 110 7.80 1.71 -20.92
C VAL B 110 7.69 3.17 -20.38
N LEU B 111 6.54 3.82 -20.63
CA LEU B 111 6.31 5.21 -20.19
C LEU B 111 6.06 5.34 -18.71
N VAL B 112 5.61 4.26 -18.04
CA VAL B 112 5.27 4.33 -16.61
C VAL B 112 6.45 4.80 -15.74
N SER B 113 7.63 4.20 -15.91
CA SER B 113 8.78 4.61 -15.09
C SER B 113 9.21 6.04 -15.41
N ARG B 114 8.99 6.48 -16.67
CA ARG B 114 9.32 7.85 -17.04
C ARG B 114 8.40 8.86 -16.37
N ILE B 115 7.08 8.59 -16.36
CA ILE B 115 6.08 9.45 -15.76
C ILE B 115 6.37 9.59 -14.24
N ALA B 116 6.66 8.48 -13.56
CA ALA B 116 6.99 8.50 -12.14
C ALA B 116 8.20 9.43 -11.92
N ALA B 117 9.24 9.36 -12.79
CA ALA B 117 10.43 10.23 -12.67
C ALA B 117 10.05 11.72 -12.87
N TRP B 118 9.22 12.03 -13.88
CA TRP B 118 8.78 13.41 -14.13
C TRP B 118 8.01 13.96 -12.94
N MET B 119 7.14 13.11 -12.32
CA MET B 119 6.36 13.49 -11.14
C MET B 119 7.27 13.78 -9.98
N ALA B 120 8.21 12.88 -9.70
CA ALA B 120 9.14 13.07 -8.59
C ALA B 120 9.98 14.36 -8.76
N THR B 121 10.46 14.64 -10.00
CA THR B 121 11.22 15.87 -10.25
C THR B 121 10.33 17.10 -10.03
N TYR B 122 9.10 17.09 -10.55
CA TYR B 122 8.19 18.24 -10.38
C TYR B 122 7.91 18.47 -8.90
N LEU B 123 7.69 17.39 -8.14
CA LEU B 123 7.45 17.44 -6.70
C LEU B 123 8.65 18.10 -6.02
N ASN B 124 9.88 17.60 -6.27
CA ASN B 124 11.10 18.11 -5.66
C ASN B 124 11.35 19.57 -5.94
N ASP B 125 11.19 19.98 -7.20
CA ASP B 125 11.48 21.34 -7.66
C ASP B 125 10.39 22.38 -7.48
N HIS B 126 9.13 22.01 -7.72
CA HIS B 126 8.05 22.97 -7.73
C HIS B 126 7.02 22.82 -6.63
N LEU B 127 6.94 21.67 -5.96
CA LEU B 127 5.94 21.49 -4.90
C LEU B 127 6.50 21.43 -3.49
N GLU B 128 7.67 20.78 -3.32
CA GLU B 128 8.34 20.66 -2.02
C GLU B 128 8.54 22.03 -1.31
N PRO B 129 8.94 23.14 -1.99
CA PRO B 129 9.09 24.41 -1.25
C PRO B 129 7.76 24.84 -0.62
N TRP B 130 6.63 24.73 -1.35
CA TRP B 130 5.32 25.08 -0.81
C TRP B 130 4.92 24.11 0.31
N ILE B 131 5.14 22.79 0.10
CA ILE B 131 4.82 21.75 1.09
C ILE B 131 5.49 22.06 2.45
N GLN B 132 6.80 22.34 2.41
CA GLN B 132 7.62 22.63 3.59
C GLN B 132 7.19 23.91 4.29
N GLU B 133 6.75 24.89 3.50
CA GLU B 133 6.28 26.17 4.03
C GLU B 133 4.90 25.99 4.67
N ASN B 134 4.13 24.98 4.25
CA ASN B 134 2.79 24.75 4.76
C ASN B 134 2.68 23.59 5.78
N GLY B 135 3.77 23.34 6.50
CA GLY B 135 3.82 22.34 7.58
C GLY B 135 4.16 20.92 7.18
N GLY B 136 4.38 20.69 5.90
CA GLY B 136 4.77 19.37 5.43
C GLY B 136 3.62 18.41 5.24
N TRP B 137 3.96 17.16 4.90
CA TRP B 137 2.95 16.15 4.64
C TRP B 137 2.10 15.79 5.87
N ASP B 138 2.61 16.08 7.09
CA ASP B 138 1.85 15.85 8.32
C ASP B 138 0.60 16.71 8.34
N THR B 139 0.71 17.96 7.81
CA THR B 139 -0.40 18.91 7.72
C THR B 139 -1.43 18.35 6.76
N PHE B 140 -1.00 17.79 5.64
CA PHE B 140 -1.91 17.17 4.68
C PHE B 140 -2.72 16.05 5.36
N VAL B 141 -2.04 15.14 6.10
CA VAL B 141 -2.68 14.02 6.80
C VAL B 141 -3.76 14.53 7.80
N GLU B 142 -3.38 15.54 8.59
CA GLU B 142 -4.24 16.18 9.58
C GLU B 142 -5.48 16.80 8.92
N LEU B 143 -5.27 17.62 7.86
CA LEU B 143 -6.33 18.30 7.12
C LEU B 143 -7.27 17.33 6.42
N TYR B 144 -6.70 16.31 5.75
CA TYR B 144 -7.51 15.34 5.03
C TYR B 144 -8.39 14.50 5.99
N GLY B 145 -7.82 14.08 7.12
CA GLY B 145 -8.52 13.30 8.14
C GLY B 145 -9.67 14.04 8.82
N ASN B 146 -9.59 15.38 8.87
CA ASN B 146 -10.59 16.26 9.49
C ASN B 146 -11.81 16.45 8.58
#